data_4DQN
#
_entry.id   4DQN
#
_cell.length_a   76.043
_cell.length_b   76.043
_cell.length_c   119.423
_cell.angle_alpha   90.00
_cell.angle_beta   90.00
_cell.angle_gamma   120.00
#
_symmetry.space_group_name_H-M   'P 31 2 1'
#
loop_
_entity.id
_entity.type
_entity.pdbx_description
1 polymer 'Putative branched-chain amino acid aminotransferase IlvE'
2 water water
#
_entity_poly.entity_id   1
_entity_poly.type   'polypeptide(L)'
_entity_poly.pdbx_seq_one_letter_code
;GPLGSTVDLDWKNLGFEYHKLPFRYISYYKDGKWDDGKLTEDATLHISESSPALHYGQEAFEGLKAYRTKDGSVQLFRPN
MNAERLQRTADRLLMPQVPTDKFIDAAKQVVRANEEYVPPYGTGATLYLRPLLIGVGDVIGVHPADEYIFTIFAMPVGNY
FKGGLAPTNFLIQDDYDRAAPHGTGAAKVGGNYAASLLPGKVAHERQFSDVIYLDPATHTKIEEVGSANFFGITKDNEFI
TPLSPSILPSVTKYSLLYLAEHRFGMKAIEGDVCVDELDKFVEAGACGTAAVISPIGGVQHGDDFHVFYSETEVGPVTHK
LYDELTGIQFGDVKAPEGWIYKVDD
;
_entity_poly.pdbx_strand_id   A
#
# COMPACT_ATOMS: atom_id res chain seq x y z
N THR A 6 7.86 1.75 -24.76
CA THR A 6 8.74 1.69 -23.60
C THR A 6 10.08 2.39 -23.88
N VAL A 7 10.48 3.34 -23.03
CA VAL A 7 11.78 4.01 -23.13
C VAL A 7 12.87 3.05 -22.64
N ASP A 8 14.08 3.55 -22.44
CA ASP A 8 15.17 2.62 -22.09
C ASP A 8 15.77 2.81 -20.69
N LEU A 9 15.12 2.19 -19.71
CA LEU A 9 15.55 2.30 -18.32
C LEU A 9 16.03 0.93 -17.82
N ASP A 10 16.82 0.93 -16.74
CA ASP A 10 17.31 -0.32 -16.15
C ASP A 10 16.19 -1.02 -15.39
N TRP A 11 15.19 -1.51 -16.15
CA TRP A 11 13.91 -1.99 -15.59
C TRP A 11 14.01 -2.93 -14.39
N LYS A 12 14.85 -3.94 -14.49
CA LYS A 12 14.98 -4.91 -13.41
C LYS A 12 15.63 -4.32 -12.16
N ASN A 13 16.40 -3.25 -12.32
CA ASN A 13 17.15 -2.70 -11.20
C ASN A 13 16.64 -1.35 -10.68
N LEU A 14 15.44 -0.98 -11.12
CA LEU A 14 14.72 0.06 -10.44
C LEU A 14 14.49 -0.51 -9.08
N GLY A 15 14.44 0.34 -8.08
CA GLY A 15 13.99 -0.13 -6.79
C GLY A 15 12.60 0.45 -6.65
N PHE A 16 12.39 1.06 -5.50
CA PHE A 16 11.15 1.75 -5.24
C PHE A 16 11.57 3.15 -4.81
N GLU A 17 11.52 4.11 -5.73
CA GLU A 17 11.93 5.48 -5.43
C GLU A 17 11.28 6.47 -6.39
N TYR A 18 11.33 7.75 -6.05
CA TYR A 18 10.73 8.78 -6.88
C TYR A 18 11.48 8.94 -8.19
N HIS A 19 10.73 9.11 -9.28
CA HIS A 19 11.25 9.58 -10.56
C HIS A 19 10.33 10.71 -10.98
N LYS A 20 10.87 11.75 -11.59
CA LYS A 20 10.06 12.82 -12.14
C LYS A 20 9.66 12.54 -13.59
N LEU A 21 8.43 12.07 -13.78
CA LEU A 21 7.94 11.74 -15.12
C LEU A 21 7.36 12.98 -15.81
N PRO A 22 7.20 12.93 -17.15
CA PRO A 22 6.73 14.15 -17.84
C PRO A 22 5.38 14.72 -17.39
N PHE A 23 4.39 13.88 -17.07
CA PHE A 23 3.05 14.41 -16.76
C PHE A 23 2.49 13.89 -15.44
N ARG A 24 1.81 14.76 -14.69
CA ARG A 24 0.97 14.33 -13.55
C ARG A 24 -0.39 14.93 -13.75
N TYR A 25 -1.38 14.30 -13.12
CA TYR A 25 -2.72 14.88 -13.03
C TYR A 25 -2.82 15.78 -11.81
N ILE A 26 -3.56 16.88 -11.94
CA ILE A 26 -3.81 17.76 -10.80
C ILE A 26 -5.20 18.37 -10.92
N SER A 27 -5.90 18.46 -9.79
CA SER A 27 -7.25 19.00 -9.74
C SER A 27 -7.34 19.80 -8.46
N TYR A 28 -8.03 20.94 -8.53
CA TYR A 28 -8.15 21.84 -7.39
C TYR A 28 -9.58 21.86 -6.89
N TYR A 29 -9.75 21.86 -5.57
CA TYR A 29 -11.07 22.01 -4.97
C TYR A 29 -11.17 23.41 -4.39
N LYS A 30 -12.17 24.16 -4.86
CA LYS A 30 -12.46 25.50 -4.37
C LYS A 30 -13.97 25.70 -4.39
N ASP A 31 -14.48 26.50 -3.45
CA ASP A 31 -15.90 26.86 -3.41
C ASP A 31 -16.81 25.63 -3.42
N GLY A 32 -16.42 24.60 -2.66
CA GLY A 32 -17.20 23.40 -2.53
C GLY A 32 -17.21 22.46 -3.73
N LYS A 33 -16.34 22.70 -4.72
CA LYS A 33 -16.31 21.87 -5.95
C LYS A 33 -14.90 21.51 -6.39
N TRP A 34 -14.73 20.30 -6.95
CA TRP A 34 -13.51 19.94 -7.69
C TRP A 34 -13.60 20.51 -9.10
N ASP A 35 -12.49 21.02 -9.63
CA ASP A 35 -12.43 21.29 -11.07
C ASP A 35 -12.32 19.94 -11.80
N ASP A 36 -12.28 19.98 -13.14
CA ASP A 36 -12.27 18.74 -13.93
C ASP A 36 -10.92 18.03 -13.92
N GLY A 37 -9.88 18.73 -13.47
CA GLY A 37 -8.55 18.14 -13.50
C GLY A 37 -7.84 18.39 -14.83
N LYS A 38 -6.51 18.40 -14.80
CA LYS A 38 -5.70 18.57 -15.99
C LYS A 38 -4.37 17.85 -15.82
N LEU A 39 -3.66 17.63 -16.92
CA LEU A 39 -2.30 17.13 -16.84
C LEU A 39 -1.38 18.32 -16.77
N THR A 40 -0.33 18.20 -15.97
CA THR A 40 0.66 19.27 -15.89
C THR A 40 2.05 18.68 -15.93
N GLU A 41 3.00 19.48 -16.41
CA GLU A 41 4.38 19.07 -16.50
C GLU A 41 5.13 19.52 -15.28
N ASP A 42 4.46 20.26 -14.40
CA ASP A 42 5.13 20.86 -13.24
C ASP A 42 5.06 19.90 -12.07
N ALA A 43 6.22 19.42 -11.65
CA ALA A 43 6.30 18.45 -10.55
C ALA A 43 6.49 19.18 -9.22
N THR A 44 6.43 20.50 -9.25
CA THR A 44 6.52 21.30 -8.03
C THR A 44 5.13 21.79 -7.65
N LEU A 45 4.74 21.60 -6.40
CA LEU A 45 3.46 22.12 -5.92
C LEU A 45 3.69 23.49 -5.33
N HIS A 46 2.78 24.41 -5.62
CA HIS A 46 2.92 25.80 -5.18
C HIS A 46 1.78 26.10 -4.21
N ILE A 47 2.07 26.06 -2.91
CA ILE A 47 1.00 26.08 -1.92
C ILE A 47 1.30 27.11 -0.85
N SER A 48 0.24 27.63 -0.24
CA SER A 48 0.37 28.63 0.81
C SER A 48 1.27 28.14 1.96
N GLU A 49 2.11 29.04 2.46
CA GLU A 49 2.93 28.77 3.63
C GLU A 49 2.04 28.36 4.82
N SER A 50 0.76 28.69 4.73
CA SER A 50 -0.17 28.39 5.81
C SER A 50 -1.08 27.21 5.50
N SER A 51 -0.68 26.35 4.54
CA SER A 51 -1.49 25.19 4.14
C SER A 51 -1.66 24.19 5.29
N PRO A 52 -2.92 23.81 5.60
CA PRO A 52 -3.17 22.79 6.64
C PRO A 52 -2.45 21.45 6.40
N ALA A 53 -2.11 21.10 5.16
CA ALA A 53 -1.34 19.86 4.95
C ALA A 53 0.01 19.95 5.65
N LEU A 54 0.54 21.16 5.78
CA LEU A 54 1.87 21.37 6.34
C LEU A 54 1.86 21.62 7.84
N HIS A 55 0.80 22.25 8.35
CA HIS A 55 0.74 22.57 9.78
C HIS A 55 -0.04 21.55 10.60
N TYR A 56 -1.14 21.07 10.05
CA TYR A 56 -2.09 20.29 10.84
C TYR A 56 -2.28 18.89 10.24
N GLY A 57 -1.31 18.46 9.43
CA GLY A 57 -1.29 17.10 8.88
C GLY A 57 -2.51 16.75 8.05
N GLN A 58 -3.13 17.74 7.41
CA GLN A 58 -4.35 17.42 6.67
C GLN A 58 -3.95 16.95 5.28
N GLU A 59 -3.62 15.66 5.21
CA GLU A 59 -3.05 15.08 3.99
C GLU A 59 -3.31 13.58 3.97
N ALA A 60 -3.40 13.02 2.78
CA ALA A 60 -3.65 11.60 2.61
C ALA A 60 -3.09 11.17 1.27
N PHE A 61 -2.78 9.89 1.15
CA PHE A 61 -2.28 9.41 -0.13
C PHE A 61 -2.76 8.00 -0.42
N GLU A 62 -2.57 7.58 -1.66
CA GLU A 62 -2.83 6.21 -2.06
C GLU A 62 -1.63 5.68 -2.82
N GLY A 63 -1.69 4.40 -3.14
CA GLY A 63 -0.63 3.76 -3.89
C GLY A 63 -1.25 2.63 -4.67
N LEU A 64 -1.00 2.60 -5.97
CA LEU A 64 -1.55 1.54 -6.82
C LEU A 64 -0.67 1.40 -8.03
N LYS A 65 -0.73 0.26 -8.70
CA LYS A 65 0.19 -0.02 -9.80
C LYS A 65 -0.51 -0.22 -11.14
N ALA A 66 0.19 0.14 -12.21
CA ALA A 66 -0.26 -0.18 -13.57
C ALA A 66 0.64 -1.28 -14.07
N TYR A 67 0.07 -2.28 -14.72
CA TYR A 67 0.79 -3.48 -15.10
C TYR A 67 0.73 -3.65 -16.61
N ARG A 68 1.86 -3.87 -17.26
CA ARG A 68 1.83 -4.21 -18.69
C ARG A 68 1.59 -5.72 -18.86
N THR A 69 0.69 -6.07 -19.76
CA THR A 69 0.35 -7.48 -19.99
C THR A 69 1.12 -8.08 -21.17
N LYS A 70 0.89 -9.37 -21.41
CA LYS A 70 1.64 -10.11 -22.42
C LYS A 70 1.48 -9.56 -23.84
N ASP A 71 0.33 -8.96 -24.15
CA ASP A 71 0.12 -8.40 -25.48
C ASP A 71 0.55 -6.93 -25.58
N GLY A 72 1.07 -6.39 -24.47
CA GLY A 72 1.56 -5.03 -24.46
C GLY A 72 0.61 -4.03 -23.82
N SER A 73 -0.67 -4.39 -23.71
CA SER A 73 -1.64 -3.48 -23.11
C SER A 73 -1.41 -3.33 -21.59
N VAL A 74 -1.87 -2.21 -21.05
CA VAL A 74 -1.59 -1.87 -19.65
C VAL A 74 -2.91 -1.86 -18.87
N GLN A 75 -2.88 -2.30 -17.62
CA GLN A 75 -4.09 -2.33 -16.82
C GLN A 75 -3.86 -1.93 -15.38
N LEU A 76 -4.92 -1.46 -14.72
CA LEU A 76 -4.90 -1.16 -13.29
C LEU A 76 -5.54 -2.33 -12.57
N PHE A 77 -5.23 -2.46 -11.28
CA PHE A 77 -5.73 -3.55 -10.46
C PHE A 77 -6.54 -3.01 -9.28
N ARG A 78 -7.85 -3.21 -9.35
CA ARG A 78 -8.78 -2.79 -8.31
C ARG A 78 -8.66 -1.32 -7.87
N PRO A 79 -8.55 -0.37 -8.82
CA PRO A 79 -8.36 1.01 -8.35
C PRO A 79 -9.61 1.56 -7.68
N ASN A 80 -10.78 0.95 -7.93
CA ASN A 80 -11.99 1.31 -7.18
C ASN A 80 -11.80 1.16 -5.68
N MET A 81 -11.01 0.15 -5.28
CA MET A 81 -10.74 -0.08 -3.86
C MET A 81 -9.88 1.04 -3.26
N ASN A 82 -8.85 1.46 -4.00
CA ASN A 82 -8.06 2.62 -3.56
C ASN A 82 -8.90 3.89 -3.44
N ALA A 83 -9.83 4.10 -4.37
CA ALA A 83 -10.65 5.29 -4.36
C ALA A 83 -11.55 5.30 -3.12
N GLU A 84 -12.11 4.14 -2.78
CA GLU A 84 -13.02 4.04 -1.65
C GLU A 84 -12.26 4.21 -0.35
N ARG A 85 -11.05 3.68 -0.30
CA ARG A 85 -10.21 3.86 0.88
C ARG A 85 -9.82 5.33 1.07
N LEU A 86 -9.51 6.01 -0.03
CA LEU A 86 -9.19 7.44 0.03
C LEU A 86 -10.40 8.26 0.46
N GLN A 87 -11.60 7.78 0.13
CA GLN A 87 -12.82 8.50 0.52
C GLN A 87 -13.01 8.39 2.02
N ARG A 88 -12.81 7.20 2.57
CA ARG A 88 -12.91 7.03 4.01
C ARG A 88 -11.80 7.80 4.74
N THR A 89 -10.61 7.83 4.15
CA THR A 89 -9.49 8.57 4.73
C THR A 89 -9.78 10.07 4.76
N ALA A 90 -10.37 10.56 3.68
CA ALA A 90 -10.76 11.97 3.59
C ALA A 90 -11.78 12.34 4.65
N ASP A 91 -12.78 11.48 4.83
CA ASP A 91 -13.81 11.71 5.82
C ASP A 91 -13.20 11.88 7.20
N ARG A 92 -12.25 11.01 7.53
CA ARG A 92 -11.61 11.03 8.85
C ARG A 92 -10.88 12.34 9.11
N LEU A 93 -10.35 12.94 8.03
CA LEU A 93 -9.58 14.17 8.16
C LEU A 93 -10.37 15.40 7.69
N LEU A 94 -11.68 15.24 7.52
CA LEU A 94 -12.54 16.34 7.10
C LEU A 94 -12.08 16.97 5.77
N MET A 95 -11.62 16.11 4.84
CA MET A 95 -11.29 16.55 3.49
C MET A 95 -12.41 16.10 2.58
N PRO A 96 -12.72 16.88 1.53
CA PRO A 96 -13.78 16.49 0.60
C PRO A 96 -13.38 15.24 -0.17
N GLN A 97 -14.33 14.34 -0.42
CA GLN A 97 -14.02 13.11 -1.13
C GLN A 97 -13.69 13.34 -2.61
N VAL A 98 -12.79 12.52 -3.13
CA VAL A 98 -12.58 12.43 -4.58
C VAL A 98 -13.44 11.26 -5.03
N PRO A 99 -14.47 11.53 -5.86
CA PRO A 99 -15.35 10.43 -6.30
C PRO A 99 -14.61 9.32 -7.03
N THR A 100 -15.13 8.11 -6.96
CA THR A 100 -14.48 6.95 -7.57
C THR A 100 -14.26 7.12 -9.08
N ASP A 101 -15.27 7.62 -9.79
CA ASP A 101 -15.07 7.81 -11.22
C ASP A 101 -13.98 8.86 -11.53
N LYS A 102 -13.92 9.92 -10.72
CA LYS A 102 -12.87 10.94 -10.90
C LYS A 102 -11.50 10.32 -10.65
N PHE A 103 -11.38 9.58 -9.55
CA PHE A 103 -10.14 8.93 -9.14
C PHE A 103 -9.60 7.98 -10.22
N ILE A 104 -10.47 7.09 -10.71
CA ILE A 104 -10.04 6.06 -11.64
C ILE A 104 -9.70 6.71 -12.98
N ASP A 105 -10.51 7.66 -13.41
CA ASP A 105 -10.22 8.37 -14.65
C ASP A 105 -8.89 9.09 -14.57
N ALA A 106 -8.62 9.70 -13.42
CA ALA A 106 -7.37 10.43 -13.26
C ALA A 106 -6.19 9.48 -13.33
N ALA A 107 -6.30 8.35 -12.65
CA ALA A 107 -5.25 7.33 -12.69
C ALA A 107 -4.97 6.89 -14.13
N LYS A 108 -6.02 6.58 -14.88
CA LYS A 108 -5.85 6.20 -16.28
C LYS A 108 -5.17 7.28 -17.12
N GLN A 109 -5.59 8.54 -16.94
CA GLN A 109 -4.94 9.65 -17.66
C GLN A 109 -3.44 9.69 -17.42
N VAL A 110 -3.02 9.46 -16.17
CA VAL A 110 -1.60 9.49 -15.84
C VAL A 110 -0.86 8.32 -16.50
N VAL A 111 -1.44 7.13 -16.45
CA VAL A 111 -0.82 5.96 -17.08
C VAL A 111 -0.68 6.18 -18.58
N ARG A 112 -1.78 6.58 -19.23
CA ARG A 112 -1.73 6.86 -20.67
C ARG A 112 -0.71 7.94 -21.02
N ALA A 113 -0.64 9.03 -20.24
CA ALA A 113 0.24 10.13 -20.58
C ALA A 113 1.71 9.75 -20.44
N ASN A 114 1.97 8.73 -19.61
CA ASN A 114 3.33 8.27 -19.34
C ASN A 114 3.51 6.79 -19.70
N GLU A 115 2.77 6.32 -20.71
CA GLU A 115 2.70 4.87 -20.97
C GLU A 115 4.05 4.26 -21.32
N GLU A 116 4.94 5.08 -21.87
CA GLU A 116 6.24 4.56 -22.26
C GLU A 116 7.09 4.26 -21.02
N TYR A 117 6.63 4.69 -19.85
CA TYR A 117 7.35 4.38 -18.60
C TYR A 117 6.79 3.15 -17.88
N VAL A 118 5.69 2.61 -18.38
CA VAL A 118 5.20 1.34 -17.85
C VAL A 118 6.17 0.25 -18.33
N PRO A 119 6.90 -0.38 -17.40
CA PRO A 119 7.96 -1.33 -17.73
C PRO A 119 7.48 -2.47 -18.63
N PRO A 120 8.39 -3.07 -19.41
CA PRO A 120 8.04 -4.17 -20.31
C PRO A 120 7.61 -5.42 -19.53
N TYR A 121 6.72 -6.21 -20.12
CA TYR A 121 6.45 -7.57 -19.68
C TYR A 121 7.69 -8.38 -20.09
N GLY A 122 8.27 -9.24 -19.25
CA GLY A 122 7.90 -9.48 -17.86
C GLY A 122 9.11 -9.23 -16.97
N THR A 123 9.28 -7.96 -16.60
CA THR A 123 10.31 -7.52 -15.69
C THR A 123 9.86 -7.77 -14.27
N GLY A 124 8.55 -7.91 -14.10
CA GLY A 124 7.93 -7.86 -12.78
C GLY A 124 7.84 -6.43 -12.27
N ALA A 125 8.28 -5.50 -13.10
CA ALA A 125 8.26 -4.08 -12.74
C ALA A 125 6.98 -3.42 -13.22
N THR A 126 6.62 -2.31 -12.59
CA THR A 126 5.32 -1.70 -12.83
C THR A 126 5.41 -0.18 -12.81
N LEU A 127 4.32 0.48 -13.18
CA LEU A 127 4.25 1.93 -13.01
C LEU A 127 3.50 2.19 -11.71
N TYR A 128 4.20 2.73 -10.71
CA TYR A 128 3.56 3.03 -9.43
C TYR A 128 2.91 4.41 -9.48
N LEU A 129 1.64 4.47 -9.08
CA LEU A 129 0.89 5.72 -9.03
C LEU A 129 0.76 6.15 -7.58
N ARG A 130 1.04 7.43 -7.33
CA ARG A 130 0.87 8.03 -6.01
C ARG A 130 -0.14 9.19 -6.06
N PRO A 131 -1.43 8.88 -5.79
CA PRO A 131 -2.43 9.93 -5.59
C PRO A 131 -2.19 10.60 -4.24
N LEU A 132 -2.38 11.91 -4.18
CA LEU A 132 -2.15 12.67 -2.97
C LEU A 132 -3.28 13.67 -2.85
N LEU A 133 -3.81 13.82 -1.63
CA LEU A 133 -4.93 14.72 -1.37
C LEU A 133 -4.53 15.58 -0.18
N ILE A 134 -4.41 16.89 -0.40
CA ILE A 134 -3.89 17.78 0.62
C ILE A 134 -4.72 19.03 0.84
N GLY A 135 -4.84 19.44 2.11
CA GLY A 135 -5.45 20.71 2.45
C GLY A 135 -4.48 21.86 2.22
N VAL A 136 -4.89 22.84 1.41
CA VAL A 136 -4.04 23.99 1.09
C VAL A 136 -4.76 25.29 1.41
N GLY A 137 -4.31 26.41 0.83
CA GLY A 137 -4.88 27.70 1.19
C GLY A 137 -4.44 28.14 2.57
N ASP A 138 -5.12 29.12 3.15
CA ASP A 138 -4.65 29.79 4.36
C ASP A 138 -5.41 29.39 5.63
N VAL A 139 -4.75 28.71 6.57
CA VAL A 139 -5.40 28.40 7.85
C VAL A 139 -4.39 28.48 8.97
N ILE A 140 -4.63 29.35 9.95
CA ILE A 140 -3.74 29.37 11.10
C ILE A 140 -4.28 28.71 12.39
N GLY A 141 -5.51 28.96 12.81
CA GLY A 141 -6.04 28.16 13.91
C GLY A 141 -6.49 26.78 13.41
N VAL A 142 -6.18 25.71 14.15
CA VAL A 142 -6.45 24.34 13.67
C VAL A 142 -7.89 24.11 13.18
N HIS A 143 -8.03 23.72 11.91
CA HIS A 143 -9.32 23.72 11.24
C HIS A 143 -9.12 23.13 9.84
N PRO A 144 -10.16 22.52 9.26
CA PRO A 144 -9.91 22.03 7.89
C PRO A 144 -9.76 23.17 6.87
N ALA A 145 -9.01 22.91 5.81
CA ALA A 145 -8.90 23.85 4.69
C ALA A 145 -10.24 24.03 4.01
N ASP A 146 -10.38 25.10 3.22
CA ASP A 146 -11.48 25.12 2.26
C ASP A 146 -11.00 25.01 0.82
N GLU A 147 -9.68 24.91 0.64
CA GLU A 147 -9.09 24.61 -0.66
C GLU A 147 -8.29 23.32 -0.60
N TYR A 148 -8.38 22.48 -1.63
CA TYR A 148 -7.65 21.21 -1.63
C TYR A 148 -7.00 20.96 -2.97
N ILE A 149 -5.92 20.19 -2.96
CA ILE A 149 -5.33 19.67 -4.20
C ILE A 149 -5.45 18.16 -4.23
N PHE A 150 -5.89 17.62 -5.36
CA PHE A 150 -5.77 16.18 -5.62
C PHE A 150 -4.84 16.01 -6.81
N THR A 151 -3.74 15.30 -6.60
CA THR A 151 -2.78 15.05 -7.67
C THR A 151 -2.40 13.58 -7.74
N ILE A 152 -2.17 13.08 -8.96
CA ILE A 152 -1.56 11.76 -9.10
C ILE A 152 -0.32 11.86 -9.96
N PHE A 153 0.82 11.50 -9.37
CA PHE A 153 2.06 11.39 -10.12
C PHE A 153 2.54 9.94 -10.14
N ALA A 154 3.48 9.64 -11.03
CA ALA A 154 3.85 8.24 -11.30
C ALA A 154 5.35 8.03 -11.42
N MET A 155 5.78 6.79 -11.21
CA MET A 155 7.19 6.45 -11.34
C MET A 155 7.30 4.94 -11.55
N PRO A 156 8.23 4.53 -12.41
CA PRO A 156 8.41 3.08 -12.59
C PRO A 156 9.12 2.49 -11.36
N VAL A 157 8.67 1.33 -10.87
CA VAL A 157 9.33 0.71 -9.73
C VAL A 157 9.69 -0.73 -10.06
N GLY A 158 10.72 -1.28 -9.42
CA GLY A 158 11.20 -2.60 -9.76
C GLY A 158 10.43 -3.71 -9.10
N ASN A 159 10.70 -4.95 -9.53
CA ASN A 159 10.10 -6.16 -8.96
C ASN A 159 10.32 -6.25 -7.45
N TYR A 160 11.57 -6.03 -7.04
CA TYR A 160 12.03 -6.18 -5.66
C TYR A 160 12.26 -7.66 -5.31
N PHE A 161 11.53 -8.56 -5.96
CA PHE A 161 11.83 -9.99 -5.86
C PHE A 161 12.33 -10.56 -7.19
N LYS A 162 13.41 -9.95 -7.68
CA LYS A 162 14.20 -10.54 -8.75
C LYS A 162 15.24 -11.44 -8.08
N GLY A 163 15.07 -12.74 -8.29
CA GLY A 163 15.79 -13.75 -7.56
C GLY A 163 14.78 -14.64 -6.86
N GLY A 164 13.50 -14.32 -7.06
CA GLY A 164 12.41 -15.04 -6.42
C GLY A 164 12.04 -14.43 -5.08
N LEU A 165 10.93 -14.90 -4.51
CA LEU A 165 10.52 -14.48 -3.17
C LEU A 165 11.60 -14.82 -2.16
N ALA A 166 11.86 -13.90 -1.24
CA ALA A 166 12.87 -14.13 -0.21
C ALA A 166 12.42 -13.59 1.15
N PRO A 167 12.67 -14.36 2.22
CA PRO A 167 12.21 -13.96 3.55
C PRO A 167 13.10 -12.87 4.13
N THR A 168 12.53 -12.00 4.95
CA THR A 168 13.33 -11.06 5.74
C THR A 168 12.81 -11.06 7.17
N ASN A 169 13.59 -10.47 8.07
CA ASN A 169 13.26 -10.51 9.49
C ASN A 169 12.69 -9.19 9.98
N PHE A 170 11.79 -9.27 10.96
CA PHE A 170 11.10 -8.08 11.47
C PHE A 170 11.17 -8.04 12.98
N LEU A 171 11.03 -6.84 13.53
CA LEU A 171 11.19 -6.61 14.98
C LEU A 171 9.89 -6.10 15.61
N ILE A 172 9.44 -6.76 16.68
CA ILE A 172 8.37 -6.18 17.51
C ILE A 172 9.00 -5.32 18.60
N GLN A 173 8.72 -4.01 18.58
CA GLN A 173 9.35 -3.08 19.53
C GLN A 173 8.26 -2.30 20.25
N ASP A 174 7.93 -2.72 21.46
CA ASP A 174 6.70 -2.31 22.15
C ASP A 174 6.63 -0.86 22.64
N ASP A 175 7.75 -0.14 22.63
CA ASP A 175 7.72 1.26 23.06
C ASP A 175 7.49 2.29 21.93
N TYR A 176 6.94 1.85 20.78
CA TYR A 176 6.48 2.76 19.73
C TYR A 176 5.11 2.35 19.17
N ASP A 177 4.24 3.34 18.94
CA ASP A 177 2.99 3.09 18.25
C ASP A 177 2.95 3.92 16.97
N ARG A 178 2.46 3.35 15.88
CA ARG A 178 2.27 4.16 14.67
C ARG A 178 0.92 4.88 14.71
N ALA A 179 0.01 4.40 15.57
CA ALA A 179 -1.32 4.98 15.69
C ALA A 179 -1.94 4.77 17.07
N ALA A 180 -2.85 5.67 17.44
CA ALA A 180 -3.60 5.59 18.70
C ALA A 180 -4.77 4.62 18.55
N PRO A 181 -5.32 4.12 19.68
CA PRO A 181 -6.51 3.25 19.60
C PRO A 181 -7.69 3.90 18.88
N HIS A 182 -7.93 5.19 19.15
CA HIS A 182 -8.96 5.95 18.46
C HIS A 182 -8.34 7.12 17.68
N GLY A 183 -7.23 6.85 16.99
CA GLY A 183 -6.54 7.87 16.22
C GLY A 183 -6.83 7.73 14.74
N THR A 184 -5.81 7.91 13.91
CA THR A 184 -5.98 7.90 12.45
C THR A 184 -5.39 6.66 11.78
N GLY A 185 -5.23 5.59 12.57
CA GLY A 185 -4.57 4.37 12.09
C GLY A 185 -5.19 3.70 10.87
N ALA A 186 -6.52 3.81 10.76
CA ALA A 186 -7.25 3.15 9.65
C ALA A 186 -7.37 4.09 8.46
N ALA A 187 -6.67 5.22 8.53
CA ALA A 187 -6.66 6.21 7.46
C ALA A 187 -5.24 6.34 6.90
N LYS A 188 -5.09 6.32 5.58
CA LYS A 188 -3.76 6.43 4.97
C LYS A 188 -3.30 7.89 4.98
N VAL A 189 -2.83 8.35 6.14
CA VAL A 189 -2.44 9.75 6.29
C VAL A 189 -0.99 9.88 6.79
N GLY A 190 -0.34 10.97 6.41
CA GLY A 190 1.05 11.19 6.79
C GLY A 190 1.36 11.05 8.28
N GLY A 191 0.40 11.41 9.14
CA GLY A 191 0.66 11.38 10.57
C GLY A 191 1.09 10.00 11.08
N ASN A 192 0.47 8.96 10.53
CA ASN A 192 0.81 7.59 10.92
C ASN A 192 2.23 7.26 10.50
N TYR A 193 2.63 7.77 9.33
CA TYR A 193 3.95 7.47 8.81
C TYR A 193 5.05 8.22 9.55
N ALA A 194 4.77 9.48 9.90
CA ALA A 194 5.72 10.26 10.71
C ALA A 194 6.07 9.55 12.02
N ALA A 195 5.06 9.01 12.67
CA ALA A 195 5.26 8.27 13.91
C ALA A 195 6.13 7.04 13.70
N SER A 196 6.11 6.50 12.47
CA SER A 196 6.87 5.29 12.14
C SER A 196 8.34 5.53 11.77
N LEU A 197 8.74 6.80 11.58
CA LEU A 197 10.12 7.09 11.13
C LEU A 197 11.16 6.64 12.15
N LEU A 198 10.98 7.01 13.42
CA LEU A 198 11.95 6.65 14.44
C LEU A 198 12.00 5.13 14.70
N PRO A 199 10.83 4.48 14.94
CA PRO A 199 10.93 3.02 15.12
C PRO A 199 11.49 2.29 13.90
N GLY A 200 11.17 2.77 12.70
CA GLY A 200 11.78 2.22 11.50
C GLY A 200 13.29 2.26 11.60
N LYS A 201 13.83 3.42 11.94
CA LYS A 201 15.28 3.60 12.07
C LYS A 201 15.85 2.63 13.12
N VAL A 202 15.16 2.50 14.24
CA VAL A 202 15.55 1.55 15.28
C VAL A 202 15.63 0.13 14.74
N ALA A 203 14.60 -0.30 14.01
CA ALA A 203 14.59 -1.62 13.39
C ALA A 203 15.76 -1.79 12.45
N HIS A 204 15.95 -0.82 11.55
CA HIS A 204 16.99 -0.87 10.54
C HIS A 204 18.39 -0.99 11.15
N GLU A 205 18.67 -0.23 12.21
CA GLU A 205 19.97 -0.28 12.86
C GLU A 205 20.27 -1.59 13.59
N ARG A 206 19.23 -2.40 13.82
CA ARG A 206 19.42 -3.74 14.37
C ARG A 206 19.32 -4.77 13.26
N GLN A 207 19.37 -4.28 12.02
CA GLN A 207 19.32 -5.11 10.81
C GLN A 207 18.01 -5.85 10.60
N PHE A 208 16.91 -5.25 11.05
CA PHE A 208 15.58 -5.74 10.69
C PHE A 208 15.00 -4.87 9.57
N SER A 209 14.13 -5.45 8.76
CA SER A 209 13.49 -4.73 7.65
C SER A 209 12.60 -3.61 8.14
N ASP A 210 11.80 -3.91 9.16
CA ASP A 210 10.85 -2.94 9.70
C ASP A 210 10.36 -3.43 11.05
N VAL A 211 9.48 -2.64 11.66
CA VAL A 211 8.87 -2.98 12.93
C VAL A 211 7.49 -3.60 12.68
N ILE A 212 7.14 -4.64 13.46
CA ILE A 212 5.76 -5.10 13.54
C ILE A 212 5.15 -4.46 14.78
N TYR A 213 4.08 -3.70 14.59
CA TYR A 213 3.45 -2.97 15.68
C TYR A 213 2.35 -3.81 16.31
N LEU A 214 2.18 -3.70 17.62
CA LEU A 214 1.10 -4.39 18.31
C LEU A 214 -0.01 -3.41 18.62
N ASP A 215 -1.16 -3.91 19.08
CA ASP A 215 -2.30 -3.05 19.35
C ASP A 215 -1.92 -2.04 20.43
N PRO A 216 -2.22 -0.76 20.20
CA PRO A 216 -1.74 0.30 21.10
C PRO A 216 -2.36 0.26 22.49
N ALA A 217 -3.56 -0.28 22.63
CA ALA A 217 -4.21 -0.37 23.94
C ALA A 217 -3.49 -1.35 24.86
N THR A 218 -3.36 -2.60 24.41
CA THR A 218 -2.87 -3.66 25.28
C THR A 218 -1.52 -4.27 24.88
N HIS A 219 -1.08 -4.03 23.65
CA HIS A 219 0.16 -4.61 23.13
C HIS A 219 0.21 -6.13 23.32
N THR A 220 -0.82 -6.80 22.84
CA THR A 220 -0.87 -8.26 22.92
C THR A 220 -1.24 -8.91 21.58
N LYS A 221 -1.69 -8.08 20.63
CA LYS A 221 -2.13 -8.56 19.32
C LYS A 221 -1.41 -7.81 18.23
N ILE A 222 -1.11 -8.49 17.13
CA ILE A 222 -0.42 -7.87 16.00
C ILE A 222 -1.35 -6.94 15.24
N GLU A 223 -0.85 -5.76 14.89
CA GLU A 223 -1.60 -4.82 14.08
C GLU A 223 -1.13 -4.87 12.64
N GLU A 224 0.10 -4.43 12.42
CA GLU A 224 0.64 -4.42 11.07
C GLU A 224 2.18 -4.41 11.02
N VAL A 225 2.70 -4.65 9.81
CA VAL A 225 4.13 -4.79 9.56
C VAL A 225 4.59 -3.56 8.79
N GLY A 226 5.12 -2.58 9.51
CA GLY A 226 5.39 -1.28 8.94
C GLY A 226 4.06 -0.72 8.46
N SER A 227 3.99 -0.40 7.17
CA SER A 227 2.76 0.11 6.60
C SER A 227 1.94 -0.98 5.90
N ALA A 228 2.45 -2.22 5.96
CA ALA A 228 1.81 -3.37 5.31
C ALA A 228 1.04 -4.24 6.31
N ASN A 229 0.12 -5.06 5.81
CA ASN A 229 -0.67 -5.95 6.67
C ASN A 229 0.07 -7.25 6.96
N PHE A 230 -0.21 -7.87 8.11
CA PHE A 230 0.33 -9.17 8.47
C PHE A 230 -0.68 -10.24 8.06
N PHE A 231 -0.18 -11.40 7.64
CA PHE A 231 -1.05 -12.57 7.45
C PHE A 231 -0.29 -13.81 7.93
N GLY A 232 -1.03 -14.78 8.49
CA GLY A 232 -0.41 -16.04 8.85
C GLY A 232 -1.16 -17.20 8.24
N ILE A 233 -0.44 -18.28 7.99
CA ILE A 233 -1.06 -19.51 7.51
C ILE A 233 -0.91 -20.59 8.59
N THR A 234 -2.02 -21.18 9.02
CA THR A 234 -1.99 -22.24 10.04
C THR A 234 -1.72 -23.60 9.41
N LYS A 235 -1.41 -24.60 10.25
CA LYS A 235 -1.22 -25.98 9.81
C LYS A 235 -2.46 -26.56 9.13
N ASP A 236 -3.62 -26.05 9.47
CA ASP A 236 -4.86 -26.51 8.84
C ASP A 236 -5.22 -25.63 7.65
N ASN A 237 -4.18 -25.09 7.02
CA ASN A 237 -4.31 -24.21 5.85
C ASN A 237 -5.41 -23.16 5.97
N GLU A 238 -5.42 -22.43 7.07
CA GLU A 238 -6.29 -21.28 7.19
C GLU A 238 -5.47 -20.01 6.99
N PHE A 239 -6.07 -19.00 6.39
CA PHE A 239 -5.44 -17.70 6.19
C PHE A 239 -6.01 -16.74 7.24
N ILE A 240 -5.14 -16.20 8.09
CA ILE A 240 -5.61 -15.30 9.14
C ILE A 240 -4.85 -13.97 9.11
N THR A 241 -5.60 -12.88 9.11
CA THR A 241 -5.00 -11.54 9.08
C THR A 241 -5.64 -10.72 10.20
N PRO A 242 -4.86 -9.84 10.86
CA PRO A 242 -5.38 -9.02 11.96
C PRO A 242 -6.54 -8.12 11.55
N LEU A 243 -7.51 -7.99 12.45
CA LEU A 243 -8.57 -7.02 12.30
C LEU A 243 -8.61 -6.08 13.50
N SER A 244 -8.31 -4.81 13.25
CA SER A 244 -8.44 -3.79 14.27
C SER A 244 -8.90 -2.51 13.60
N PRO A 245 -9.59 -1.64 14.36
CA PRO A 245 -10.02 -0.34 13.85
C PRO A 245 -8.86 0.65 13.81
N SER A 246 -7.66 0.17 14.16
CA SER A 246 -6.45 0.99 14.22
C SER A 246 -5.52 0.61 13.08
N ILE A 247 -5.96 -0.36 12.28
CA ILE A 247 -5.17 -0.91 11.18
C ILE A 247 -5.62 -0.34 9.83
N LEU A 248 -4.66 -0.02 8.97
CA LEU A 248 -4.97 0.34 7.58
C LEU A 248 -5.32 -0.91 6.79
N PRO A 249 -6.55 -0.97 6.26
CA PRO A 249 -6.94 -2.14 5.47
C PRO A 249 -6.37 -2.10 4.04
N SER A 250 -5.39 -2.95 3.74
CA SER A 250 -4.76 -2.91 2.41
C SER A 250 -5.60 -3.63 1.35
N VAL A 251 -5.53 -3.12 0.12
CA VAL A 251 -6.23 -3.75 -1.00
C VAL A 251 -5.64 -5.14 -1.23
N THR A 252 -4.35 -5.27 -1.01
CA THR A 252 -3.66 -6.54 -1.16
C THR A 252 -4.21 -7.59 -0.18
N LYS A 253 -4.44 -7.18 1.06
CA LYS A 253 -5.01 -8.09 2.07
C LYS A 253 -6.39 -8.61 1.68
N TYR A 254 -7.27 -7.71 1.24
CA TYR A 254 -8.61 -8.15 0.85
C TYR A 254 -8.54 -9.08 -0.35
N SER A 255 -7.65 -8.75 -1.29
CA SER A 255 -7.44 -9.58 -2.47
C SER A 255 -6.94 -10.99 -2.11
N LEU A 256 -6.02 -11.06 -1.15
CA LEU A 256 -5.46 -12.33 -0.69
C LEU A 256 -6.51 -13.16 0.06
N LEU A 257 -7.27 -12.48 0.90
CA LEU A 257 -8.43 -13.08 1.57
C LEU A 257 -9.34 -13.75 0.55
N TYR A 258 -9.64 -12.99 -0.50
CA TYR A 258 -10.53 -13.42 -1.56
C TYR A 258 -9.95 -14.63 -2.30
N LEU A 259 -8.71 -14.51 -2.75
CA LEU A 259 -8.09 -15.59 -3.54
C LEU A 259 -7.88 -16.86 -2.71
N ALA A 260 -7.45 -16.70 -1.47
CA ALA A 260 -7.28 -17.85 -0.57
C ALA A 260 -8.55 -18.70 -0.52
N GLU A 261 -9.69 -18.05 -0.36
CA GLU A 261 -10.97 -18.74 -0.32
C GLU A 261 -11.38 -19.27 -1.69
N HIS A 262 -11.50 -18.36 -2.67
CA HIS A 262 -12.18 -18.69 -3.93
C HIS A 262 -11.32 -19.43 -4.95
N ARG A 263 -10.00 -19.44 -4.74
CA ARG A 263 -9.09 -20.16 -5.63
C ARG A 263 -8.50 -21.37 -4.93
N PHE A 264 -8.27 -21.25 -3.63
CA PHE A 264 -7.56 -22.31 -2.93
C PHE A 264 -8.39 -23.09 -1.91
N GLY A 265 -9.64 -22.69 -1.74
CA GLY A 265 -10.55 -23.40 -0.85
C GLY A 265 -10.17 -23.31 0.62
N MET A 266 -9.43 -22.25 0.97
CA MET A 266 -8.99 -22.04 2.35
C MET A 266 -9.99 -21.21 3.12
N LYS A 267 -10.07 -21.45 4.41
CA LYS A 267 -10.82 -20.57 5.29
C LYS A 267 -9.95 -19.31 5.39
N ALA A 268 -10.57 -18.17 5.14
CA ALA A 268 -9.84 -16.90 5.08
C ALA A 268 -10.57 -15.88 5.92
N ILE A 269 -9.97 -15.52 7.07
CA ILE A 269 -10.65 -14.62 8.00
C ILE A 269 -9.79 -13.50 8.56
N GLU A 270 -10.46 -12.42 8.91
CA GLU A 270 -9.87 -11.34 9.66
C GLU A 270 -10.17 -11.64 11.12
N GLY A 271 -9.14 -11.94 11.91
CA GLY A 271 -9.31 -12.21 13.32
C GLY A 271 -8.14 -11.69 14.11
N ASP A 272 -8.18 -11.79 15.42
CA ASP A 272 -7.01 -11.31 16.15
C ASP A 272 -5.88 -12.34 16.12
N VAL A 273 -4.65 -11.84 16.18
CA VAL A 273 -3.45 -12.66 16.11
C VAL A 273 -2.64 -12.30 17.34
N CYS A 274 -2.55 -13.22 18.30
CA CYS A 274 -1.89 -12.91 19.57
C CYS A 274 -0.41 -13.16 19.48
N VAL A 275 0.39 -12.26 20.03
CA VAL A 275 1.85 -12.40 19.96
C VAL A 275 2.36 -13.58 20.75
N ASP A 276 1.50 -14.17 21.57
CA ASP A 276 1.90 -15.29 22.40
C ASP A 276 1.59 -16.62 21.74
N GLU A 277 0.97 -16.57 20.57
CA GLU A 277 0.56 -17.77 19.84
C GLU A 277 1.19 -17.84 18.45
N LEU A 278 2.44 -17.40 18.31
CA LEU A 278 3.07 -17.37 16.98
C LEU A 278 3.26 -18.77 16.37
N ASP A 279 3.39 -19.79 17.21
CA ASP A 279 3.51 -21.17 16.74
C ASP A 279 2.24 -21.65 16.02
N LYS A 280 1.17 -20.87 16.12
CA LYS A 280 -0.09 -21.16 15.41
C LYS A 280 0.13 -21.11 13.89
N PHE A 281 1.21 -20.44 13.48
CA PHE A 281 1.41 -20.18 12.05
C PHE A 281 2.62 -20.91 11.44
N VAL A 282 2.35 -21.68 10.40
CA VAL A 282 3.38 -22.43 9.69
C VAL A 282 4.10 -21.55 8.67
N GLU A 283 3.40 -20.51 8.21
CA GLU A 283 3.99 -19.48 7.35
C GLU A 283 3.43 -18.12 7.74
N ALA A 284 4.21 -17.06 7.50
CA ALA A 284 3.73 -15.70 7.74
C ALA A 284 4.35 -14.74 6.74
N GLY A 285 3.65 -13.65 6.46
CA GLY A 285 4.20 -12.61 5.62
C GLY A 285 3.56 -11.26 5.80
N ALA A 286 4.06 -10.28 5.07
CA ALA A 286 3.46 -8.95 5.01
C ALA A 286 2.91 -8.77 3.60
N CYS A 287 1.80 -8.04 3.48
CA CYS A 287 1.25 -7.81 2.14
C CYS A 287 0.87 -6.35 1.94
N GLY A 288 1.05 -5.86 0.72
CA GLY A 288 0.72 -4.48 0.39
C GLY A 288 1.05 -4.23 -1.07
N THR A 289 0.64 -3.07 -1.59
CA THR A 289 0.87 -2.71 -2.99
C THR A 289 2.35 -2.73 -3.39
N ALA A 290 3.17 -2.05 -2.61
CA ALA A 290 4.59 -1.96 -2.92
C ALA A 290 5.27 -3.30 -2.65
N ALA A 291 4.89 -3.90 -1.53
CA ALA A 291 5.48 -5.15 -1.09
C ALA A 291 5.03 -6.36 -1.92
N VAL A 292 3.77 -6.35 -2.35
CA VAL A 292 3.05 -7.53 -2.85
C VAL A 292 2.93 -8.54 -1.72
N ILE A 293 3.83 -9.53 -1.66
CA ILE A 293 4.03 -10.29 -0.43
C ILE A 293 5.49 -10.25 -0.04
N SER A 294 5.77 -9.84 1.20
CA SER A 294 7.10 -9.96 1.77
C SER A 294 7.08 -11.10 2.76
N PRO A 295 7.64 -12.26 2.39
CA PRO A 295 7.66 -13.42 3.31
C PRO A 295 8.43 -13.09 4.57
N ILE A 296 7.90 -13.49 5.73
CA ILE A 296 8.61 -13.25 6.97
C ILE A 296 9.42 -14.48 7.33
N GLY A 297 10.73 -14.30 7.50
CA GLY A 297 11.58 -15.38 7.95
C GLY A 297 11.37 -15.54 9.44
N GLY A 298 11.88 -14.58 10.20
CA GLY A 298 11.73 -14.61 11.64
C GLY A 298 11.27 -13.27 12.20
N VAL A 299 10.65 -13.32 13.37
CA VAL A 299 10.24 -12.12 14.08
C VAL A 299 10.93 -12.11 15.45
N GLN A 300 11.62 -11.00 15.74
CA GLN A 300 12.25 -10.79 17.04
C GLN A 300 11.28 -10.12 18.01
N HIS A 301 11.13 -10.68 19.19
CA HIS A 301 10.31 -10.08 20.23
C HIS A 301 10.94 -10.29 21.61
N GLY A 302 11.47 -9.21 22.19
CA GLY A 302 12.25 -9.35 23.42
C GLY A 302 13.46 -10.23 23.12
N ASP A 303 13.71 -11.23 23.97
CA ASP A 303 14.81 -12.19 23.77
C ASP A 303 14.56 -13.14 22.60
N ASP A 304 13.30 -13.32 22.24
CA ASP A 304 12.96 -14.46 21.38
C ASP A 304 12.95 -14.12 19.90
N PHE A 305 13.45 -15.04 19.10
CA PHE A 305 13.44 -14.92 17.66
C PHE A 305 12.62 -16.08 17.11
N HIS A 306 11.45 -15.79 16.57
CA HIS A 306 10.53 -16.84 16.16
C HIS A 306 10.53 -17.04 14.64
N VAL A 307 10.88 -18.25 14.20
CA VAL A 307 10.92 -18.56 12.79
C VAL A 307 9.70 -19.39 12.43
N PHE A 308 8.88 -18.89 11.51
CA PHE A 308 7.67 -19.61 11.13
C PHE A 308 7.99 -20.79 10.23
N TYR A 309 8.66 -20.51 9.13
CA TYR A 309 8.90 -21.53 8.11
C TYR A 309 10.38 -21.74 7.90
N SER A 310 11.07 -20.67 7.51
CA SER A 310 12.50 -20.70 7.26
C SER A 310 13.06 -19.30 7.19
N GLU A 311 14.34 -19.15 7.48
CA GLU A 311 14.98 -17.85 7.40
C GLU A 311 15.45 -17.57 5.99
N THR A 312 15.53 -18.62 5.18
CA THR A 312 16.10 -18.50 3.84
C THR A 312 15.14 -18.87 2.72
N GLU A 313 14.24 -19.82 3.00
CA GLU A 313 13.29 -20.26 2.00
C GLU A 313 11.87 -19.78 2.30
N VAL A 314 11.03 -19.75 1.28
CA VAL A 314 9.66 -19.28 1.48
C VAL A 314 8.66 -20.43 1.33
N GLY A 315 7.66 -20.43 2.20
CA GLY A 315 6.69 -21.50 2.25
C GLY A 315 5.86 -21.67 1.00
N PRO A 316 5.36 -22.89 0.78
CA PRO A 316 4.55 -23.27 -0.38
C PRO A 316 3.25 -22.50 -0.53
N VAL A 317 2.56 -22.22 0.59
CA VAL A 317 1.25 -21.56 0.50
C VAL A 317 1.47 -20.10 0.12
N THR A 318 2.47 -19.47 0.73
CA THR A 318 2.87 -18.10 0.36
C THR A 318 3.20 -18.06 -1.13
N HIS A 319 3.99 -19.02 -1.59
CA HIS A 319 4.35 -19.09 -3.01
C HIS A 319 3.11 -19.16 -3.90
N LYS A 320 2.15 -19.98 -3.51
CA LYS A 320 0.95 -20.20 -4.31
C LYS A 320 0.07 -18.96 -4.38
N LEU A 321 -0.06 -18.26 -3.26
CA LEU A 321 -0.83 -17.04 -3.20
C LEU A 321 -0.16 -15.93 -4.01
N TYR A 322 1.16 -15.85 -3.89
CA TYR A 322 1.93 -14.85 -4.64
C TYR A 322 1.80 -15.05 -6.14
N ASP A 323 2.01 -16.29 -6.59
CA ASP A 323 1.89 -16.62 -8.01
C ASP A 323 0.51 -16.27 -8.57
N GLU A 324 -0.53 -16.59 -7.81
CA GLU A 324 -1.91 -16.35 -8.26
C GLU A 324 -2.27 -14.86 -8.26
N LEU A 325 -1.87 -14.13 -7.23
CA LEU A 325 -2.18 -12.70 -7.18
C LEU A 325 -1.46 -11.92 -8.28
N THR A 326 -0.14 -12.12 -8.39
CA THR A 326 0.64 -11.42 -9.42
C THR A 326 0.22 -11.87 -10.82
N GLY A 327 -0.12 -13.14 -10.98
CA GLY A 327 -0.62 -13.61 -12.27
C GLY A 327 -1.84 -12.84 -12.71
N ILE A 328 -2.75 -12.62 -11.77
CA ILE A 328 -3.97 -11.86 -12.05
C ILE A 328 -3.63 -10.41 -12.38
N GLN A 329 -2.75 -9.81 -11.58
CA GLN A 329 -2.38 -8.42 -11.79
C GLN A 329 -1.73 -8.19 -13.15
N PHE A 330 -0.83 -9.08 -13.55
CA PHE A 330 -0.14 -8.94 -14.83
C PHE A 330 -0.91 -9.56 -15.99
N GLY A 331 -2.08 -10.12 -15.72
CA GLY A 331 -2.98 -10.57 -16.76
C GLY A 331 -2.77 -12.00 -17.24
N ASP A 332 -1.89 -12.74 -16.57
CA ASP A 332 -1.58 -14.12 -16.98
C ASP A 332 -2.52 -15.14 -16.36
N VAL A 333 -3.34 -14.71 -15.38
CA VAL A 333 -4.30 -15.59 -14.73
C VAL A 333 -5.69 -14.94 -14.77
N LYS A 334 -6.75 -15.72 -15.03
CA LYS A 334 -8.10 -15.15 -15.10
C LYS A 334 -8.46 -14.42 -13.81
N ALA A 335 -9.01 -13.22 -13.94
CA ALA A 335 -9.29 -12.36 -12.79
C ALA A 335 -10.67 -12.60 -12.21
N PRO A 336 -10.85 -12.30 -10.92
CA PRO A 336 -12.23 -12.25 -10.44
C PRO A 336 -12.97 -11.14 -11.17
N GLU A 337 -14.29 -11.23 -11.23
CA GLU A 337 -15.11 -10.19 -11.85
C GLU A 337 -14.87 -8.81 -11.22
N GLY A 338 -14.69 -7.79 -12.06
CA GLY A 338 -14.60 -6.42 -11.60
C GLY A 338 -13.25 -5.93 -11.09
N TRP A 339 -12.25 -6.81 -11.07
CA TRP A 339 -10.94 -6.45 -10.53
C TRP A 339 -10.04 -5.69 -11.49
N ILE A 340 -10.07 -6.07 -12.76
CA ILE A 340 -9.15 -5.48 -13.73
C ILE A 340 -9.78 -4.31 -14.46
N TYR A 341 -9.04 -3.21 -14.56
CA TYR A 341 -9.48 -2.03 -15.28
C TYR A 341 -8.46 -1.71 -16.36
N LYS A 342 -8.80 -2.04 -17.61
CA LYS A 342 -7.92 -1.76 -18.75
C LYS A 342 -7.79 -0.25 -18.91
N VAL A 343 -6.57 0.20 -19.16
CA VAL A 343 -6.27 1.62 -19.14
C VAL A 343 -6.86 2.36 -20.36
N ASP A 344 -7.03 1.64 -21.46
CA ASP A 344 -7.62 2.20 -22.66
C ASP A 344 -9.14 2.01 -22.75
N ASP A 345 -9.74 1.40 -21.72
CA ASP A 345 -11.20 1.28 -21.65
C ASP A 345 -11.80 2.47 -20.92
#